data_6VZM
#
_entry.id   6VZM
#
_cell.length_a   93.071
_cell.length_b   61.591
_cell.length_c   120.527
_cell.angle_alpha   90.000
_cell.angle_beta   102.170
_cell.angle_gamma   90.000
#
_symmetry.space_group_name_H-M   'C 1 2 1'
#
loop_
_entity.id
_entity.type
_entity.pdbx_description
1 polymer 'Peroxisome proliferator-activated receptor gamma'
2 non-polymer (5Z)-5-({4-[3-(5-methyl-2-phenyl-1,3-oxazol-4-yl)propanoyl]phenyl}methylidene)-1,3-thiazolidine-2,4-dione
3 water water
#
_entity_poly.entity_id   1
_entity_poly.type   'polypeptide(L)'
_entity_poly.pdbx_seq_one_letter_code
;QLNPESADLRALAKHLYDSYIKSFPLTKAKARAILTGKTTDKSPFVIYDMNSLMMGEDKIKFKHITPLQEQSKEVAIRIF
QGCQFRSVEAVQEITEYAKSIPGFVNLDLNDQVTLLKYGVHEIIYTMLASLMNKDGVLISEGQGFMTREFLKSLRKPFGD
FMEPKFEFAVKFNALELDDSDLAIFIAVIILSGDRPGLLNVKPIEDIQDNLLQALELQLKLNHPESSQLFAKLLQKMTDL
RQIVTEHVQLLQVIKKTETDMSLHPLLQEIEKDLY
;
_entity_poly.pdbx_strand_id   A,B
#
loop_
_chem_comp.id
_chem_comp.type
_chem_comp.name
_chem_comp.formula
GEV non-polymer (5Z)-5-({4-[3-(5-methyl-2-phenyl-1,3-oxazol-4-yl)propanoyl]phenyl}methylidene)-1,3-thiazolidine-2,4-dione 'C23 H18 N2 O4 S'
#
# COMPACT_ATOMS: atom_id res chain seq x y z
N GLU A 5 -12.51 -19.42 -17.93
CA GLU A 5 -13.56 -18.89 -18.81
C GLU A 5 -14.50 -17.96 -18.00
N SER A 6 -15.06 -16.97 -18.71
CA SER A 6 -15.88 -15.96 -18.07
C SER A 6 -17.06 -16.57 -17.30
N ALA A 7 -17.60 -17.69 -17.76
CA ALA A 7 -18.76 -18.27 -17.08
C ALA A 7 -18.42 -18.69 -15.66
N ASP A 8 -17.16 -19.10 -15.43
CA ASP A 8 -16.73 -19.52 -14.11
C ASP A 8 -16.50 -18.35 -13.18
N LEU A 9 -16.02 -17.22 -13.72
CA LEU A 9 -15.81 -16.03 -12.90
C LEU A 9 -17.14 -15.45 -12.44
N ARG A 10 -18.11 -15.36 -13.36
CA ARG A 10 -19.44 -14.92 -12.97
C ARG A 10 -20.04 -15.82 -11.90
N ALA A 11 -19.82 -17.13 -12.02
CA ALA A 11 -20.40 -18.03 -11.04
C ALA A 11 -19.79 -17.78 -9.68
N LEU A 12 -18.48 -17.53 -9.65
CA LEU A 12 -17.80 -17.22 -8.40
C LEU A 12 -18.26 -15.89 -7.83
N ALA A 13 -18.44 -14.88 -8.70
CA ALA A 13 -18.96 -13.60 -8.27
C ALA A 13 -20.32 -13.75 -7.63
N LYS A 14 -21.18 -14.55 -8.24
CA LYS A 14 -22.53 -14.75 -7.74
C LYS A 14 -22.53 -15.51 -6.42
N HIS A 15 -21.67 -16.52 -6.30
CA HIS A 15 -21.51 -17.22 -5.03
C HIS A 15 -21.09 -16.27 -3.92
N LEU A 16 -20.07 -15.44 -4.17
CA LEU A 16 -19.58 -14.57 -3.13
C LEU A 16 -20.60 -13.53 -2.73
N TYR A 17 -21.33 -12.98 -3.72
CA TYR A 17 -22.37 -12.00 -3.38
C TYR A 17 -23.42 -12.63 -2.47
N ASP A 18 -23.85 -13.84 -2.84
CA ASP A 18 -24.84 -14.56 -2.05
C ASP A 18 -24.38 -14.76 -0.62
N SER A 19 -23.10 -15.19 -0.41
CA SER A 19 -22.61 -15.41 0.95
C SER A 19 -22.44 -14.11 1.70
N TYR A 20 -22.05 -13.05 0.99
CA TYR A 20 -21.94 -11.74 1.60
C TYR A 20 -23.29 -11.27 2.15
N ILE A 21 -24.36 -11.39 1.36
CA ILE A 21 -25.69 -11.03 1.85
C ILE A 21 -26.04 -11.85 3.10
N LYS A 22 -25.73 -13.15 3.09
CA LYS A 22 -26.09 -14.01 4.22
C LYS A 22 -25.24 -13.72 5.46
N SER A 23 -24.00 -13.27 5.29
CA SER A 23 -23.12 -13.07 6.44
C SER A 23 -23.20 -11.68 7.03
N PHE A 24 -23.66 -10.69 6.27
CA PHE A 24 -23.64 -9.29 6.66
C PHE A 24 -25.03 -8.69 6.61
N PRO A 25 -25.73 -8.58 7.76
CA PRO A 25 -27.12 -8.10 7.73
C PRO A 25 -27.28 -6.68 7.23
N LEU A 26 -26.37 -5.77 7.60
CA LEU A 26 -26.48 -4.37 7.19
C LEU A 26 -25.62 -4.13 5.95
N THR A 27 -26.21 -4.31 4.78
CA THR A 27 -25.49 -4.14 3.52
C THR A 27 -25.38 -2.66 3.15
N LYS A 28 -24.59 -2.40 2.10
CA LYS A 28 -24.40 -1.03 1.64
C LYS A 28 -25.69 -0.45 1.07
N ALA A 29 -26.43 -1.25 0.29
CA ALA A 29 -27.70 -0.77 -0.26
C ALA A 29 -28.69 -0.40 0.85
N LYS A 30 -28.77 -1.23 1.89
CA LYS A 30 -29.60 -0.84 3.03
C LYS A 30 -29.06 0.42 3.70
N ALA A 31 -27.74 0.51 3.88
CA ALA A 31 -27.17 1.70 4.49
C ALA A 31 -27.40 2.96 3.64
N ARG A 32 -27.28 2.85 2.31
CA ARG A 32 -27.56 3.99 1.45
C ARG A 32 -29.03 4.38 1.52
N ALA A 33 -29.93 3.39 1.62
CA ALA A 33 -31.35 3.71 1.71
C ALA A 33 -31.65 4.48 3.00
N ILE A 34 -31.04 4.07 4.12
CA ILE A 34 -31.23 4.78 5.39
C ILE A 34 -30.62 6.18 5.34
N LEU A 35 -29.41 6.31 4.79
CA LEU A 35 -28.71 7.59 4.81
C LEU A 35 -29.42 8.64 3.98
N THR A 36 -30.07 8.24 2.89
CA THR A 36 -30.80 9.17 2.04
C THR A 36 -32.17 9.42 2.66
N ASP A 41 -38.64 4.46 5.15
CA ASP A 41 -39.33 3.54 6.10
C ASP A 41 -39.20 4.11 7.52
N LYS A 42 -37.97 4.23 8.02
CA LYS A 42 -37.71 4.76 9.38
C LYS A 42 -36.31 5.40 9.42
N SER A 43 -36.23 6.68 9.78
CA SER A 43 -34.97 7.39 9.85
C SER A 43 -34.25 7.04 11.15
N PRO A 44 -32.94 7.29 11.21
CA PRO A 44 -32.20 7.01 12.43
C PRO A 44 -32.35 8.16 13.43
N PHE A 45 -32.02 7.86 14.68
CA PHE A 45 -31.85 8.91 15.67
C PHE A 45 -30.46 9.47 15.56
N VAL A 46 -30.34 10.79 15.47
CA VAL A 46 -29.07 11.44 15.23
C VAL A 46 -28.46 11.89 16.55
N ILE A 47 -27.34 11.29 16.89
CA ILE A 47 -26.54 11.65 18.05
C ILE A 47 -25.44 12.58 17.56
N TYR A 48 -25.46 13.76 18.16
CA TYR A 48 -24.55 14.87 17.76
C TYR A 48 -23.94 15.63 18.92
N ASP A 49 -24.24 15.29 20.18
CA ASP A 49 -23.67 15.95 21.35
C ASP A 49 -24.01 15.18 22.63
N MET A 50 -23.69 15.81 23.77
CA MET A 50 -23.82 15.20 25.08
C MET A 50 -25.24 14.73 25.37
N ASN A 51 -26.25 15.51 25.00
CA ASN A 51 -27.59 15.18 25.50
C ASN A 51 -28.32 14.18 24.62
N SER A 52 -28.25 14.32 23.29
CA SER A 52 -28.92 13.38 22.40
C SER A 52 -28.39 11.97 22.59
N LEU A 53 -27.09 11.84 22.89
CA LEU A 53 -26.53 10.55 23.22
C LEU A 53 -27.43 9.82 24.21
N MET A 54 -27.88 10.53 25.25
CA MET A 54 -28.71 9.93 26.28
C MET A 54 -30.18 9.83 25.88
N MET A 55 -30.67 10.73 25.03
CA MET A 55 -31.99 10.50 24.43
C MET A 55 -31.97 9.27 23.53
N GLY A 56 -30.85 9.02 22.84
CA GLY A 56 -30.76 7.89 21.93
C GLY A 56 -30.80 6.55 22.64
N GLU A 57 -30.32 6.49 23.88
CA GLU A 57 -30.49 5.27 24.66
C GLU A 57 -31.95 5.04 25.01
N ASP A 58 -32.69 6.11 25.31
CA ASP A 58 -34.14 6.01 25.43
C ASP A 58 -34.75 5.42 24.17
N LYS A 59 -34.49 6.05 23.02
CA LYS A 59 -35.03 5.63 21.73
C LYS A 59 -34.44 4.29 21.29
N ILE A 60 -33.15 4.27 20.98
CA ILE A 60 -32.50 3.07 20.44
C ILE A 60 -32.09 2.12 21.56
N LYS A 61 -31.93 0.86 21.22
CA LYS A 61 -31.33 -0.11 22.12
C LYS A 61 -29.88 0.29 22.38
N LYS A 73 -18.52 5.80 34.17
CA LYS A 73 -17.98 5.57 32.84
C LYS A 73 -18.13 6.82 31.95
N GLU A 74 -16.99 7.36 31.49
CA GLU A 74 -16.98 8.58 30.69
C GLU A 74 -17.63 8.36 29.32
N VAL A 75 -18.21 9.42 28.78
CA VAL A 75 -18.97 9.28 27.54
C VAL A 75 -18.08 8.82 26.40
N ALA A 76 -16.83 9.30 26.35
CA ALA A 76 -15.93 8.86 25.30
C ALA A 76 -15.69 7.36 25.39
N ILE A 77 -15.25 6.88 26.56
CA ILE A 77 -14.91 5.46 26.67
C ILE A 77 -16.16 4.59 26.56
N ARG A 78 -17.33 5.16 26.83
CA ARG A 78 -18.58 4.46 26.55
C ARG A 78 -18.74 4.24 25.05
N ILE A 79 -18.62 5.31 24.26
CA ILE A 79 -18.65 5.20 22.80
C ILE A 79 -17.58 4.24 22.33
N PHE A 80 -16.37 4.32 22.90
CA PHE A 80 -15.29 3.43 22.49
C PHE A 80 -15.62 1.98 22.83
N GLN A 81 -16.16 1.74 24.02
CA GLN A 81 -16.45 0.35 24.42
C GLN A 81 -17.47 -0.29 23.48
N GLY A 82 -18.35 0.51 22.88
CA GLY A 82 -19.36 0.03 21.96
C GLY A 82 -18.84 -0.08 20.55
N CYS A 83 -17.97 0.87 20.18
CA CYS A 83 -17.22 0.74 18.93
C CYS A 83 -16.38 -0.55 18.91
N GLN A 84 -15.92 -1.01 20.08
CA GLN A 84 -15.13 -2.24 20.15
C GLN A 84 -16.00 -3.48 20.10
N PHE A 85 -17.16 -3.43 20.75
CA PHE A 85 -18.07 -4.57 20.72
C PHE A 85 -18.65 -4.78 19.33
N ARG A 86 -18.92 -3.68 18.60
CA ARG A 86 -19.31 -3.81 17.21
C ARG A 86 -18.23 -4.48 16.38
N SER A 87 -16.96 -4.09 16.57
CA SER A 87 -15.87 -4.74 15.84
C SER A 87 -15.84 -6.24 16.11
N VAL A 88 -16.05 -6.63 17.38
CA VAL A 88 -16.10 -8.04 17.75
C VAL A 88 -17.21 -8.74 16.96
N GLU A 89 -18.40 -8.14 16.98
CA GLU A 89 -19.50 -8.62 16.16
C GLU A 89 -19.07 -8.79 14.70
N ALA A 90 -18.38 -7.76 14.16
CA ALA A 90 -17.96 -7.79 12.76
C ALA A 90 -16.93 -8.88 12.50
N VAL A 91 -16.01 -9.11 13.46
CA VAL A 91 -15.07 -10.22 13.31
C VAL A 91 -15.81 -11.53 13.07
N GLN A 92 -16.89 -11.78 13.85
CA GLN A 92 -17.65 -13.02 13.67
C GLN A 92 -18.20 -13.13 12.27
N GLU A 93 -18.80 -12.05 11.76
CA GLU A 93 -19.44 -12.09 10.45
C GLU A 93 -18.40 -12.31 9.35
N ILE A 94 -17.27 -11.59 9.43
CA ILE A 94 -16.17 -11.80 8.48
C ILE A 94 -15.64 -13.22 8.57
N THR A 95 -15.52 -13.77 9.79
CA THR A 95 -15.12 -15.17 9.91
C THR A 95 -16.08 -16.08 9.15
N GLU A 96 -17.38 -15.92 9.42
CA GLU A 96 -18.38 -16.72 8.71
C GLU A 96 -18.30 -16.52 7.20
N TYR A 97 -18.06 -15.29 6.76
CA TYR A 97 -17.96 -15.03 5.34
C TYR A 97 -16.69 -15.67 4.76
N ALA A 98 -15.58 -15.59 5.49
CA ALA A 98 -14.34 -16.20 5.01
C ALA A 98 -14.51 -17.69 4.71
N LYS A 99 -15.20 -18.42 5.60
CA LYS A 99 -15.37 -19.86 5.40
C LYS A 99 -16.04 -20.19 4.07
N SER A 100 -16.94 -19.31 3.61
CA SER A 100 -17.59 -19.55 2.33
C SER A 100 -16.69 -19.29 1.13
N ILE A 101 -15.50 -18.73 1.30
CA ILE A 101 -14.66 -18.45 0.13
C ILE A 101 -14.09 -19.77 -0.36
N PRO A 102 -14.35 -20.17 -1.60
CA PRO A 102 -13.92 -21.50 -2.04
C PRO A 102 -12.42 -21.68 -1.89
N GLY A 103 -12.03 -22.76 -1.19
CA GLY A 103 -10.65 -23.08 -0.93
C GLY A 103 -10.14 -22.61 0.41
N PHE A 104 -10.86 -21.71 1.08
CA PHE A 104 -10.34 -21.14 2.32
C PHE A 104 -10.29 -22.16 3.45
N VAL A 105 -11.39 -22.89 3.68
CA VAL A 105 -11.40 -23.80 4.82
C VAL A 105 -10.46 -24.97 4.61
N ASN A 106 -10.07 -25.21 3.37
CA ASN A 106 -9.12 -26.25 3.03
C ASN A 106 -7.68 -25.81 3.20
N LEU A 107 -7.43 -24.60 3.65
CA LEU A 107 -6.04 -24.22 3.86
C LEU A 107 -5.62 -24.75 5.21
N ASP A 108 -4.31 -24.70 5.45
CA ASP A 108 -3.76 -25.01 6.76
C ASP A 108 -4.42 -24.14 7.81
N LEU A 109 -4.87 -24.79 8.87
CA LEU A 109 -5.66 -24.11 9.88
C LEU A 109 -4.92 -22.91 10.44
N ASN A 110 -3.60 -23.00 10.58
CA ASN A 110 -2.85 -21.87 11.11
C ASN A 110 -2.82 -20.69 10.15
N ASP A 111 -2.75 -20.96 8.84
CA ASP A 111 -2.87 -19.89 7.86
C ASP A 111 -4.27 -19.26 7.89
N GLN A 112 -5.32 -20.09 8.01
CA GLN A 112 -6.67 -19.56 8.17
C GLN A 112 -6.69 -18.51 9.26
N VAL A 113 -6.21 -18.89 10.45
CA VAL A 113 -6.14 -17.96 11.57
C VAL A 113 -5.30 -16.73 11.20
N THR A 114 -4.19 -16.94 10.50
CA THR A 114 -3.30 -15.84 10.17
C THR A 114 -3.97 -14.89 9.18
N LEU A 115 -4.64 -15.44 8.17
CA LEU A 115 -5.35 -14.61 7.19
C LEU A 115 -6.44 -13.78 7.86
N LEU A 116 -7.18 -14.37 8.79
CA LEU A 116 -8.20 -13.62 9.51
C LEU A 116 -7.59 -12.65 10.51
N LYS A 117 -6.48 -13.03 11.15
CA LYS A 117 -5.84 -12.13 12.11
C LYS A 117 -5.48 -10.79 11.46
N TYR A 118 -4.82 -10.83 10.32
CA TYR A 118 -4.33 -9.64 9.65
C TYR A 118 -5.32 -9.08 8.65
N GLY A 119 -6.45 -9.74 8.44
CA GLY A 119 -7.35 -9.35 7.38
C GLY A 119 -8.56 -8.64 7.93
N VAL A 120 -8.77 -8.75 9.24
CA VAL A 120 -10.09 -8.40 9.76
C VAL A 120 -10.26 -6.89 9.86
N HIS A 121 -9.23 -6.18 10.29
CA HIS A 121 -9.37 -4.74 10.42
C HIS A 121 -9.54 -4.07 9.07
N GLU A 122 -8.81 -4.53 8.05
CA GLU A 122 -8.94 -3.95 6.72
C GLU A 122 -10.36 -4.12 6.18
N ILE A 123 -11.01 -5.21 6.53
CA ILE A 123 -12.37 -5.43 6.09
C ILE A 123 -13.35 -4.63 6.94
N ILE A 124 -13.10 -4.53 8.25
CA ILE A 124 -13.93 -3.71 9.12
C ILE A 124 -14.04 -2.29 8.57
N TYR A 125 -12.89 -1.66 8.33
CA TYR A 125 -12.89 -0.29 7.81
C TYR A 125 -13.37 -0.22 6.37
N THR A 126 -13.17 -1.27 5.57
CA THR A 126 -13.80 -1.27 4.24
C THR A 126 -15.32 -1.27 4.35
N MET A 127 -15.87 -2.10 5.23
CA MET A 127 -17.32 -2.19 5.37
C MET A 127 -17.89 -0.98 6.10
N LEU A 128 -17.12 -0.42 7.04
CA LEU A 128 -17.55 0.78 7.75
C LEU A 128 -17.83 1.93 6.77
N ALA A 129 -17.02 2.08 5.73
CA ALA A 129 -17.29 3.10 4.71
C ALA A 129 -18.69 2.96 4.12
N SER A 130 -19.22 1.74 4.03
CA SER A 130 -20.59 1.57 3.54
C SER A 130 -21.60 2.29 4.42
N LEU A 131 -21.23 2.60 5.66
CA LEU A 131 -22.12 3.14 6.67
C LEU A 131 -21.85 4.62 6.94
N MET A 132 -20.88 5.21 6.24
CA MET A 132 -20.49 6.59 6.40
C MET A 132 -20.93 7.42 5.20
N ASN A 133 -21.24 8.67 5.44
CA ASN A 133 -21.17 9.71 4.41
C ASN A 133 -20.20 10.74 4.97
N LYS A 134 -20.06 11.88 4.29
CA LYS A 134 -19.09 12.86 4.79
C LYS A 134 -19.45 13.41 6.18
N ASP A 135 -20.72 13.28 6.61
CA ASP A 135 -21.22 13.88 7.85
C ASP A 135 -21.18 12.97 9.07
N GLY A 136 -21.20 11.66 8.92
CA GLY A 136 -21.34 10.80 10.09
C GLY A 136 -21.43 9.35 9.72
N VAL A 137 -21.85 8.53 10.68
CA VAL A 137 -21.82 7.08 10.53
C VAL A 137 -23.06 6.46 11.17
N LEU A 138 -23.70 5.55 10.44
CA LEU A 138 -24.80 4.77 11.00
C LEU A 138 -24.28 3.83 12.08
N ILE A 139 -25.02 3.75 13.19
CA ILE A 139 -24.70 2.83 14.27
C ILE A 139 -25.94 2.03 14.63
N SER A 140 -25.74 1.01 15.47
CA SER A 140 -26.81 0.16 15.99
C SER A 140 -27.74 -0.34 14.88
N GLU A 141 -27.17 -1.17 13.99
CA GLU A 141 -27.91 -1.75 12.86
C GLU A 141 -28.66 -0.68 12.05
N GLY A 142 -28.17 0.55 12.03
CA GLY A 142 -28.80 1.60 11.26
C GLY A 142 -29.87 2.41 11.98
N GLN A 143 -30.18 2.07 13.24
CA GLN A 143 -31.18 2.79 14.01
C GLN A 143 -30.67 4.12 14.51
N GLY A 144 -29.34 4.28 14.62
CA GLY A 144 -28.74 5.52 15.03
C GLY A 144 -27.84 6.07 13.94
N PHE A 145 -27.38 7.31 14.16
CA PHE A 145 -26.44 7.99 13.28
C PHE A 145 -25.66 8.95 14.16
N MET A 146 -24.35 8.77 14.24
CA MET A 146 -23.48 9.60 15.07
C MET A 146 -22.72 10.56 14.16
N THR A 147 -22.79 11.85 14.46
CA THR A 147 -22.20 12.82 13.54
C THR A 147 -20.68 12.78 13.63
N ARG A 148 -20.04 13.12 12.51
CA ARG A 148 -18.59 13.06 12.44
C ARG A 148 -17.92 14.03 13.41
N GLU A 149 -18.49 15.24 13.56
CA GLU A 149 -17.82 16.26 14.37
C GLU A 149 -18.07 16.06 15.86
N PHE A 150 -19.21 15.49 16.25
CA PHE A 150 -19.34 15.04 17.64
C PHE A 150 -18.29 14.01 17.99
N LEU A 151 -18.13 12.99 17.13
CA LEU A 151 -17.07 12.00 17.32
C LEU A 151 -15.71 12.66 17.43
N LYS A 152 -15.45 13.67 16.58
CA LYS A 152 -14.19 14.40 16.61
C LYS A 152 -13.99 15.18 17.89
N SER A 153 -15.07 15.51 18.61
CA SER A 153 -15.02 16.35 19.80
C SER A 153 -14.86 15.55 21.09
N LEU A 154 -14.41 14.31 20.95
CA LEU A 154 -14.24 13.49 22.16
C LEU A 154 -12.94 13.88 22.82
N ARG A 155 -12.75 13.47 24.05
CA ARG A 155 -11.54 14.00 24.72
C ARG A 155 -10.27 13.24 24.39
N LYS A 156 -9.23 13.66 25.08
CA LYS A 156 -7.89 13.04 25.15
C LYS A 156 -7.46 12.53 23.79
N PRO A 157 -7.43 11.20 23.64
CA PRO A 157 -7.12 10.57 22.39
C PRO A 157 -8.36 9.99 21.67
N PHE A 158 -9.56 10.10 22.23
CA PHE A 158 -10.66 9.43 21.50
C PHE A 158 -11.13 10.20 20.25
N GLY A 159 -11.03 11.51 20.25
CA GLY A 159 -11.57 12.25 19.12
C GLY A 159 -10.93 11.91 17.79
N ASP A 160 -9.77 11.27 17.82
CA ASP A 160 -9.02 10.96 16.62
C ASP A 160 -9.14 9.49 16.21
N PHE A 161 -10.01 8.73 16.86
CA PHE A 161 -10.15 7.34 16.45
C PHE A 161 -10.88 7.24 15.13
N MET A 162 -11.89 8.08 14.91
CA MET A 162 -12.75 7.90 13.75
C MET A 162 -12.39 8.81 12.57
N GLU A 163 -11.69 9.91 12.82
CA GLU A 163 -11.43 10.87 11.75
C GLU A 163 -10.73 10.26 10.54
N PRO A 164 -9.63 9.50 10.68
CA PRO A 164 -9.01 8.93 9.47
C PRO A 164 -9.89 7.94 8.73
N LYS A 165 -10.77 7.20 9.44
CA LYS A 165 -11.77 6.37 8.76
C LYS A 165 -12.70 7.22 7.91
N PHE A 166 -13.17 8.35 8.45
CA PHE A 166 -13.98 9.26 7.66
C PHE A 166 -13.24 9.71 6.42
N GLU A 167 -11.95 10.03 6.55
CA GLU A 167 -11.17 10.48 5.41
C GLU A 167 -11.05 9.38 4.37
N PHE A 168 -10.83 8.14 4.81
CA PHE A 168 -10.75 7.02 3.87
C PHE A 168 -12.11 6.75 3.24
N ALA A 169 -13.18 6.80 4.04
CA ALA A 169 -14.50 6.49 3.53
C ALA A 169 -14.90 7.43 2.40
N VAL A 170 -14.60 8.71 2.57
CA VAL A 170 -14.95 9.71 1.56
C VAL A 170 -14.32 9.36 0.21
N LYS A 171 -13.02 9.07 0.20
CA LYS A 171 -12.35 8.72 -1.05
C LYS A 171 -12.80 7.35 -1.55
N PHE A 172 -12.86 6.35 -0.67
CA PHE A 172 -13.32 5.03 -1.08
C PHE A 172 -14.76 5.07 -1.58
N ASN A 173 -15.62 5.82 -0.90
CA ASN A 173 -17.01 5.82 -1.35
C ASN A 173 -17.18 6.49 -2.70
N ALA A 174 -16.25 7.36 -3.08
CA ALA A 174 -16.28 7.97 -4.41
C ALA A 174 -16.17 6.95 -5.53
N LEU A 175 -15.63 5.76 -5.26
CA LEU A 175 -15.56 4.73 -6.29
C LEU A 175 -16.95 4.19 -6.66
N GLU A 176 -17.92 4.34 -5.75
CA GLU A 176 -19.32 4.00 -6.01
C GLU A 176 -19.51 2.49 -6.14
N LEU A 177 -18.76 1.74 -5.33
CA LEU A 177 -18.88 0.29 -5.33
C LEU A 177 -20.23 -0.12 -4.76
N ASP A 178 -20.82 -1.16 -5.31
CA ASP A 178 -21.95 -1.74 -4.62
C ASP A 178 -21.52 -3.03 -3.93
N ASP A 179 -22.46 -3.62 -3.17
CA ASP A 179 -22.21 -4.82 -2.39
C ASP A 179 -21.60 -5.95 -3.23
N SER A 180 -22.17 -6.22 -4.41
CA SER A 180 -21.66 -7.33 -5.22
C SER A 180 -20.20 -7.12 -5.62
N ASP A 181 -19.79 -5.87 -5.85
CA ASP A 181 -18.37 -5.54 -5.98
C ASP A 181 -17.61 -5.83 -4.69
N LEU A 182 -18.11 -5.30 -3.57
CA LEU A 182 -17.39 -5.39 -2.29
C LEU A 182 -17.21 -6.84 -1.83
N ALA A 183 -18.12 -7.73 -2.22
CA ALA A 183 -17.99 -9.12 -1.82
C ALA A 183 -16.68 -9.71 -2.37
N ILE A 184 -16.42 -9.50 -3.66
CA ILE A 184 -15.17 -10.01 -4.23
C ILE A 184 -13.95 -9.31 -3.61
N PHE A 185 -14.07 -8.00 -3.35
CA PHE A 185 -12.95 -7.22 -2.85
C PHE A 185 -12.56 -7.68 -1.44
N ILE A 186 -13.53 -7.80 -0.55
CA ILE A 186 -13.29 -8.35 0.79
C ILE A 186 -12.61 -9.72 0.68
N ALA A 187 -13.09 -10.57 -0.21
CA ALA A 187 -12.49 -11.90 -0.39
C ALA A 187 -11.02 -11.79 -0.77
N VAL A 188 -10.71 -10.86 -1.69
CA VAL A 188 -9.33 -10.63 -2.13
C VAL A 188 -8.47 -10.20 -0.95
N ILE A 189 -8.98 -9.28 -0.12
CA ILE A 189 -8.25 -8.84 1.07
C ILE A 189 -7.88 -10.03 1.96
N ILE A 190 -8.83 -10.94 2.18
CA ILE A 190 -8.60 -12.04 3.11
C ILE A 190 -7.49 -12.93 2.61
N LEU A 191 -7.52 -13.22 1.35
CA LEU A 191 -6.53 -14.10 0.77
C LEU A 191 -5.29 -13.37 0.25
N SER A 192 -4.66 -12.65 1.13
CA SER A 192 -3.47 -11.95 0.70
C SER A 192 -2.32 -12.94 0.49
N GLY A 193 -1.81 -13.55 1.55
CA GLY A 193 -0.62 -14.38 1.38
C GLY A 193 0.66 -13.59 1.56
N ASP A 194 0.57 -12.30 1.29
CA ASP A 194 1.43 -11.25 1.81
C ASP A 194 1.57 -11.28 3.34
N ARG A 195 0.68 -11.98 4.06
CA ARG A 195 0.61 -11.82 5.52
C ARG A 195 1.80 -12.47 6.21
N PRO A 196 2.19 -11.96 7.38
CA PRO A 196 3.33 -12.54 8.09
C PRO A 196 2.94 -13.77 8.91
N GLY A 197 3.76 -14.82 8.80
CA GLY A 197 3.55 -16.05 9.52
C GLY A 197 2.97 -17.16 8.68
N LEU A 198 2.72 -16.90 7.40
CA LEU A 198 2.05 -17.87 6.56
C LEU A 198 2.99 -19.02 6.21
N LEU A 199 2.49 -20.23 6.33
CA LEU A 199 3.29 -21.43 6.16
C LEU A 199 3.32 -21.86 4.71
N ASN A 200 2.20 -21.78 4.02
CA ASN A 200 2.16 -22.08 2.59
C ASN A 200 1.45 -20.94 1.87
N VAL A 201 2.24 -20.08 1.22
CA VAL A 201 1.71 -18.90 0.54
C VAL A 201 1.15 -19.28 -0.84
N LYS A 202 1.75 -20.25 -1.52
CA LYS A 202 1.31 -20.59 -2.87
C LYS A 202 -0.14 -20.97 -3.01
N PRO A 203 -0.75 -21.78 -2.11
CA PRO A 203 -2.17 -22.10 -2.31
C PRO A 203 -3.09 -20.92 -2.01
N ILE A 204 -2.67 -20.02 -1.11
CA ILE A 204 -3.39 -18.77 -0.89
C ILE A 204 -3.36 -17.88 -2.14
N GLU A 205 -2.24 -17.88 -2.86
CA GLU A 205 -2.08 -17.04 -4.04
C GLU A 205 -2.91 -17.55 -5.22
N ASP A 206 -2.93 -18.86 -5.45
CA ASP A 206 -3.80 -19.38 -6.49
C ASP A 206 -5.26 -19.00 -6.22
N ILE A 207 -5.67 -18.99 -4.95
CA ILE A 207 -7.03 -18.55 -4.64
C ILE A 207 -7.18 -17.06 -4.97
N GLN A 208 -6.31 -16.21 -4.40
CA GLN A 208 -6.40 -14.77 -4.66
C GLN A 208 -6.36 -14.49 -6.15
N ASP A 209 -5.50 -15.21 -6.88
CA ASP A 209 -5.40 -15.02 -8.33
C ASP A 209 -6.77 -15.15 -8.98
N ASN A 210 -7.51 -16.19 -8.62
CA ASN A 210 -8.83 -16.39 -9.19
C ASN A 210 -9.83 -15.35 -8.69
N LEU A 211 -9.72 -14.94 -7.42
CA LEU A 211 -10.52 -13.83 -6.92
C LEU A 211 -10.25 -12.56 -7.72
N LEU A 212 -8.98 -12.27 -8.00
CA LEU A 212 -8.64 -11.08 -8.81
C LEU A 212 -9.22 -11.19 -10.21
N GLN A 213 -9.16 -12.37 -10.82
CA GLN A 213 -9.84 -12.56 -12.09
C GLN A 213 -11.33 -12.26 -11.96
N ALA A 214 -11.93 -12.68 -10.84
CA ALA A 214 -13.36 -12.46 -10.67
C ALA A 214 -13.67 -10.98 -10.47
N LEU A 215 -12.84 -10.28 -9.70
CA LEU A 215 -13.06 -8.87 -9.46
C LEU A 215 -12.87 -8.05 -10.72
N GLU A 216 -11.96 -8.48 -11.61
CA GLU A 216 -11.72 -7.74 -12.85
C GLU A 216 -12.92 -7.81 -13.77
N LEU A 217 -13.44 -9.02 -14.00
CA LEU A 217 -14.65 -9.15 -14.80
C LEU A 217 -15.82 -8.41 -14.14
N GLN A 218 -15.91 -8.52 -12.81
CA GLN A 218 -17.03 -7.90 -12.09
C GLN A 218 -17.04 -6.38 -12.26
N LEU A 219 -15.90 -5.74 -12.06
CA LEU A 219 -15.88 -4.29 -12.14
C LEU A 219 -16.08 -3.81 -13.57
N LYS A 220 -15.58 -4.57 -14.54
CA LYS A 220 -15.72 -4.09 -15.92
C LYS A 220 -17.15 -4.31 -16.41
N LEU A 221 -17.84 -5.32 -15.88
CA LEU A 221 -19.22 -5.60 -16.29
C LEU A 221 -20.19 -4.67 -15.58
N ASN A 222 -19.89 -4.34 -14.32
CA ASN A 222 -20.75 -3.53 -13.46
C ASN A 222 -20.54 -2.05 -13.68
N HIS A 223 -19.27 -1.65 -13.88
CA HIS A 223 -18.91 -0.25 -14.07
C HIS A 223 -18.22 -0.07 -15.41
N PRO A 224 -18.93 -0.34 -16.52
CA PRO A 224 -18.26 -0.37 -17.82
C PRO A 224 -17.62 0.95 -18.18
N GLU A 225 -18.22 2.07 -17.78
CA GLU A 225 -17.71 3.39 -18.07
C GLU A 225 -16.72 3.91 -17.03
N SER A 226 -16.31 3.09 -16.07
CA SER A 226 -15.46 3.56 -14.97
C SER A 226 -14.02 3.09 -15.22
N SER A 227 -13.21 3.99 -15.76
CA SER A 227 -11.92 3.62 -16.32
C SER A 227 -10.94 3.22 -15.22
N GLN A 228 -10.30 2.07 -15.41
CA GLN A 228 -9.29 1.56 -14.49
C GLN A 228 -9.80 1.43 -13.05
N LEU A 229 -11.08 1.10 -12.88
CA LEU A 229 -11.61 0.97 -11.52
C LEU A 229 -10.90 -0.15 -10.76
N PHE A 230 -10.62 -1.25 -11.45
CA PHE A 230 -9.88 -2.37 -10.86
C PHE A 230 -8.59 -1.88 -10.24
N ALA A 231 -7.77 -1.20 -11.04
CA ALA A 231 -6.48 -0.71 -10.57
C ALA A 231 -6.67 0.28 -9.44
N LYS A 232 -7.64 1.20 -9.59
CA LYS A 232 -7.89 2.17 -8.53
C LYS A 232 -8.33 1.49 -7.25
N LEU A 233 -9.08 0.38 -7.38
CA LEU A 233 -9.49 -0.38 -6.20
C LEU A 233 -8.28 -0.98 -5.49
N LEU A 234 -7.38 -1.62 -6.22
CA LEU A 234 -6.20 -2.23 -5.59
C LEU A 234 -5.33 -1.19 -4.90
N GLN A 235 -5.23 0.02 -5.46
CA GLN A 235 -4.47 1.07 -4.79
C GLN A 235 -5.10 1.47 -3.47
N LYS A 236 -6.41 1.24 -3.31
CA LYS A 236 -7.06 1.54 -2.03
C LYS A 236 -6.56 0.60 -0.94
N MET A 237 -6.14 -0.60 -1.31
CA MET A 237 -5.56 -1.56 -0.37
C MET A 237 -4.32 -1.01 0.32
N THR A 238 -3.84 0.17 -0.08
CA THR A 238 -2.75 0.86 0.58
C THR A 238 -3.26 1.79 1.66
N ASP A 239 -4.33 2.53 1.36
CA ASP A 239 -4.95 3.36 2.39
C ASP A 239 -5.43 2.51 3.56
N LEU A 240 -5.89 1.28 3.29
CA LEU A 240 -6.38 0.39 4.35
C LEU A 240 -5.26 -0.01 5.29
N ARG A 241 -4.14 -0.49 4.75
CA ARG A 241 -3.04 -0.89 5.62
C ARG A 241 -2.60 0.28 6.50
N GLN A 242 -2.70 1.50 5.99
CA GLN A 242 -2.25 2.66 6.74
C GLN A 242 -3.17 2.97 7.90
N ILE A 243 -4.49 2.96 7.66
CA ILE A 243 -5.41 3.26 8.76
C ILE A 243 -5.37 2.17 9.80
N VAL A 244 -5.14 0.92 9.40
CA VAL A 244 -4.94 -0.14 10.37
C VAL A 244 -3.74 0.16 11.26
N THR A 245 -2.55 0.34 10.64
CA THR A 245 -1.37 0.83 11.33
C THR A 245 -1.71 1.96 12.30
N GLU A 246 -2.30 3.04 11.77
CA GLU A 246 -2.67 4.18 12.60
C GLU A 246 -3.51 3.75 13.80
N HIS A 247 -4.46 2.85 13.57
CA HIS A 247 -5.40 2.44 14.62
C HIS A 247 -4.70 1.62 15.70
N VAL A 248 -3.86 0.66 15.31
CA VAL A 248 -3.13 -0.15 16.28
C VAL A 248 -2.36 0.75 17.25
N GLN A 249 -1.68 1.76 16.72
CA GLN A 249 -0.96 2.69 17.57
C GLN A 249 -1.90 3.46 18.47
N LEU A 250 -3.06 3.87 17.95
CA LEU A 250 -4.02 4.54 18.80
C LEU A 250 -4.48 3.67 19.96
N LEU A 251 -4.55 2.35 19.75
CA LEU A 251 -4.92 1.46 20.85
C LEU A 251 -3.84 1.42 21.93
N GLN A 252 -2.56 1.33 21.53
CA GLN A 252 -1.48 1.28 22.50
C GLN A 252 -1.51 2.51 23.41
N VAL A 253 -1.81 3.68 22.85
CA VAL A 253 -1.98 4.87 23.69
C VAL A 253 -3.11 4.67 24.68
N ILE A 254 -4.26 4.19 24.19
CA ILE A 254 -5.43 3.98 25.05
C ILE A 254 -5.08 3.09 26.23
N LYS A 255 -4.27 2.06 25.99
CA LYS A 255 -3.97 1.09 27.04
C LYS A 255 -3.21 1.73 28.21
N LYS A 256 -2.22 2.57 27.91
CA LYS A 256 -1.47 3.20 28.99
C LYS A 256 -2.19 4.40 29.58
N THR A 257 -2.99 5.10 28.77
CA THR A 257 -3.85 6.15 29.33
C THR A 257 -4.93 5.55 30.23
N GLU A 258 -5.52 4.44 29.80
CA GLU A 258 -6.71 3.86 30.43
C GLU A 258 -6.39 2.46 30.95
N THR A 259 -5.54 2.39 31.98
CA THR A 259 -5.43 1.14 32.73
C THR A 259 -6.75 0.77 33.40
N ASP A 260 -7.63 1.77 33.62
CA ASP A 260 -9.01 1.57 34.08
C ASP A 260 -9.83 0.69 33.13
N MET A 261 -9.52 0.70 31.83
CA MET A 261 -10.47 0.27 30.81
C MET A 261 -9.96 -0.99 30.10
N SER A 262 -10.81 -2.01 30.02
CA SER A 262 -10.44 -3.30 29.48
C SER A 262 -10.64 -3.35 27.97
N LEU A 263 -10.37 -4.53 27.38
CA LEU A 263 -10.54 -4.78 25.95
C LEU A 263 -10.91 -6.25 25.76
N HIS A 264 -11.73 -6.50 24.73
CA HIS A 264 -12.27 -7.84 24.49
C HIS A 264 -11.16 -8.79 24.05
N PRO A 265 -11.11 -10.02 24.61
CA PRO A 265 -10.01 -10.93 24.27
C PRO A 265 -10.03 -11.43 22.83
N LEU A 266 -11.17 -11.41 22.14
CA LEU A 266 -11.14 -11.70 20.72
C LEU A 266 -10.38 -10.63 19.95
N LEU A 267 -10.48 -9.37 20.38
CA LEU A 267 -9.88 -8.26 19.66
C LEU A 267 -8.38 -8.12 19.91
N GLN A 268 -7.97 -8.02 21.18
CA GLN A 268 -6.56 -7.72 21.43
C GLN A 268 -5.65 -8.94 21.34
N GLU A 269 -6.21 -10.14 21.18
CA GLU A 269 -5.41 -11.28 20.74
C GLU A 269 -5.19 -11.24 19.23
N ILE A 270 -6.13 -10.64 18.49
CA ILE A 270 -5.94 -10.37 17.03
C ILE A 270 -4.99 -9.18 16.97
N GLU A 271 -5.16 -8.27 17.91
CA GLU A 271 -4.39 -7.01 18.06
C GLU A 271 -3.04 -7.27 18.71
N LYS A 272 -2.14 -7.91 17.97
CA LYS A 272 -0.77 -8.24 18.43
C LYS A 272 0.20 -7.65 17.41
N GLU B 5 -6.89 4.26 -28.99
CA GLU B 5 -6.80 2.90 -29.50
C GLU B 5 -5.60 2.21 -28.88
N SER B 6 -5.40 0.91 -29.18
CA SER B 6 -4.32 0.16 -28.57
C SER B 6 -2.95 0.52 -29.14
N ALA B 7 -2.89 1.05 -30.35
CA ALA B 7 -1.62 1.48 -30.92
C ALA B 7 -1.10 2.74 -30.23
N ASP B 8 -1.97 3.56 -29.64
CA ASP B 8 -1.48 4.72 -28.90
C ASP B 8 -0.88 4.32 -27.56
N LEU B 9 -1.34 3.21 -26.98
CA LEU B 9 -0.74 2.74 -25.75
C LEU B 9 0.65 2.14 -26.00
N ARG B 10 0.87 1.61 -27.22
CA ARG B 10 2.18 1.12 -27.65
C ARG B 10 3.15 2.27 -27.89
N ALA B 11 2.71 3.29 -28.64
CA ALA B 11 3.50 4.51 -28.77
C ALA B 11 3.98 4.98 -27.41
N LEU B 12 3.05 5.06 -26.44
CA LEU B 12 3.36 5.48 -25.08
C LEU B 12 4.31 4.50 -24.40
N ALA B 13 4.11 3.21 -24.60
CA ALA B 13 5.03 2.21 -24.05
C ALA B 13 6.44 2.40 -24.56
N LYS B 14 6.59 2.41 -25.89
CA LYS B 14 7.89 2.60 -26.53
C LYS B 14 8.54 3.90 -26.11
N HIS B 15 7.75 4.98 -26.05
CA HIS B 15 8.26 6.27 -25.62
C HIS B 15 8.86 6.20 -24.22
N LEU B 16 8.16 5.54 -23.30
CA LEU B 16 8.64 5.55 -21.93
C LEU B 16 9.87 4.66 -21.79
N TYR B 17 9.88 3.55 -22.52
CA TYR B 17 11.06 2.69 -22.52
C TYR B 17 12.28 3.48 -23.00
N ASP B 18 12.16 4.14 -24.16
CA ASP B 18 13.29 4.91 -24.70
C ASP B 18 13.76 5.95 -23.71
N SER B 19 12.82 6.71 -23.13
CA SER B 19 13.18 7.70 -22.14
C SER B 19 13.81 7.05 -20.92
N TYR B 20 13.37 5.84 -20.57
CA TYR B 20 13.88 5.14 -19.41
C TYR B 20 15.32 4.66 -19.65
N ILE B 21 15.56 4.10 -20.83
CA ILE B 21 16.91 3.70 -21.24
C ILE B 21 17.85 4.87 -21.17
N LYS B 22 17.37 6.05 -21.57
CA LYS B 22 18.25 7.20 -21.66
C LYS B 22 18.52 7.80 -20.30
N SER B 23 17.50 7.86 -19.42
CA SER B 23 17.70 8.46 -18.11
C SER B 23 18.36 7.53 -17.10
N PHE B 24 18.29 6.22 -17.30
CA PHE B 24 18.97 5.26 -16.43
C PHE B 24 19.77 4.33 -17.32
N PRO B 25 21.04 4.65 -17.56
CA PRO B 25 21.84 3.84 -18.48
C PRO B 25 22.16 2.45 -17.96
N LEU B 26 22.28 2.26 -16.63
CA LEU B 26 22.42 0.92 -16.08
C LEU B 26 21.04 0.26 -16.06
N THR B 27 20.70 -0.39 -17.15
CA THR B 27 19.40 -1.02 -17.27
C THR B 27 19.35 -2.31 -16.45
N LYS B 28 18.13 -2.79 -16.22
CA LYS B 28 17.99 -4.08 -15.55
C LYS B 28 18.61 -5.19 -16.38
N ALA B 29 18.43 -5.13 -17.71
CA ALA B 29 19.04 -6.13 -18.57
C ALA B 29 20.55 -6.21 -18.32
N LYS B 30 21.23 -5.07 -18.37
CA LYS B 30 22.68 -5.08 -18.14
C LYS B 30 23.03 -5.40 -16.69
N ALA B 31 22.19 -4.98 -15.74
CA ALA B 31 22.45 -5.30 -14.34
C ALA B 31 22.36 -6.80 -14.08
N ARG B 32 21.48 -7.51 -14.80
CA ARG B 32 21.34 -8.96 -14.60
C ARG B 32 22.50 -9.73 -15.21
N ALA B 33 23.16 -9.13 -16.20
CA ALA B 33 24.38 -9.71 -16.74
C ALA B 33 25.52 -9.64 -15.72
N ILE B 34 25.84 -8.42 -15.27
CA ILE B 34 26.90 -8.21 -14.28
C ILE B 34 26.71 -9.14 -13.08
N LEU B 35 25.47 -9.19 -12.59
CA LEU B 35 25.09 -9.98 -11.38
C LEU B 35 25.30 -11.48 -11.63
N THR B 40 31.10 -12.64 -17.96
CA THR B 40 32.40 -12.66 -17.29
C THR B 40 33.45 -12.01 -18.19
N ASP B 41 33.09 -10.83 -18.70
CA ASP B 41 34.00 -9.93 -19.41
C ASP B 41 34.43 -8.78 -18.52
N LYS B 42 33.46 -8.04 -17.97
CA LYS B 42 33.71 -7.04 -16.94
C LYS B 42 32.93 -7.46 -15.70
N SER B 43 33.62 -8.13 -14.78
CA SER B 43 33.07 -8.46 -13.47
C SER B 43 33.29 -7.30 -12.51
N PRO B 44 32.51 -7.22 -11.44
CA PRO B 44 32.68 -6.10 -10.49
C PRO B 44 33.57 -6.45 -9.31
N PHE B 45 34.16 -5.44 -8.68
CA PHE B 45 34.93 -5.68 -7.46
C PHE B 45 33.97 -5.99 -6.32
N VAL B 46 34.19 -7.12 -5.67
CA VAL B 46 33.28 -7.59 -4.63
C VAL B 46 33.72 -7.06 -3.29
N ILE B 47 32.81 -6.35 -2.61
CA ILE B 47 33.09 -5.79 -1.30
C ILE B 47 32.35 -6.67 -0.30
N TYR B 48 33.09 -7.55 0.37
CA TYR B 48 32.55 -8.46 1.37
C TYR B 48 33.12 -8.23 2.74
N ASP B 49 34.27 -7.55 2.85
CA ASP B 49 35.07 -7.41 4.04
C ASP B 49 35.43 -5.95 4.23
N MET B 50 35.77 -5.59 5.48
CA MET B 50 36.46 -4.33 5.72
C MET B 50 37.69 -4.22 4.83
N ASN B 51 38.49 -5.29 4.75
CA ASN B 51 39.67 -5.27 3.89
C ASN B 51 39.29 -5.14 2.42
N SER B 52 38.15 -5.73 2.01
CA SER B 52 37.67 -5.52 0.65
C SER B 52 37.21 -4.08 0.45
N LEU B 53 36.53 -3.53 1.46
CA LEU B 53 36.10 -2.14 1.38
C LEU B 53 37.27 -1.22 1.04
N MET B 54 38.37 -1.34 1.78
CA MET B 54 39.49 -0.42 1.58
C MET B 54 40.11 -0.61 0.20
N MET B 55 40.19 -1.85 -0.28
CA MET B 55 40.71 -2.07 -1.63
C MET B 55 39.75 -1.52 -2.68
N GLY B 56 38.45 -1.59 -2.41
CA GLY B 56 37.47 -1.09 -3.37
C GLY B 56 37.42 0.43 -3.42
N GLU B 57 37.58 1.07 -2.26
CA GLU B 57 37.72 2.52 -2.25
C GLU B 57 38.93 2.95 -3.08
N ASP B 58 39.96 2.10 -3.19
CA ASP B 58 41.15 2.49 -3.92
C ASP B 58 41.01 2.25 -5.42
N LYS B 59 40.34 1.17 -5.84
CA LYS B 59 40.10 1.17 -7.28
C LYS B 59 38.89 2.00 -7.66
N ILE B 60 37.72 1.73 -7.09
CA ILE B 60 36.51 2.47 -7.47
C ILE B 60 36.65 3.92 -7.03
N LYS B 61 36.39 4.85 -7.95
CA LYS B 61 36.46 6.27 -7.67
C LYS B 61 35.20 6.69 -6.93
N PHE B 62 35.31 6.85 -5.61
CA PHE B 62 34.16 7.20 -4.79
C PHE B 62 34.10 8.70 -4.59
N LYS B 63 32.93 9.25 -4.90
CA LYS B 63 32.65 10.69 -5.05
C LYS B 63 32.01 11.39 -3.84
N HIS B 64 31.73 10.68 -2.76
CA HIS B 64 31.03 11.26 -1.59
C HIS B 64 31.87 11.35 -0.31
N ILE B 65 33.14 11.10 -0.46
CA ILE B 65 34.05 11.07 0.70
C ILE B 65 34.74 12.42 0.86
N THR B 66 34.73 12.99 2.05
CA THR B 66 35.59 14.18 2.32
C THR B 66 37.07 13.77 2.09
N LYS B 73 37.13 8.83 10.20
CA LYS B 73 35.69 8.58 10.40
C LYS B 73 35.35 7.10 10.19
N GLU B 74 34.22 6.69 10.76
CA GLU B 74 33.84 5.28 10.82
C GLU B 74 33.10 4.83 9.57
N VAL B 75 33.23 3.54 9.28
CA VAL B 75 32.89 3.02 7.96
C VAL B 75 31.37 3.04 7.73
N ALA B 76 30.57 2.82 8.77
CA ALA B 76 29.13 2.70 8.57
C ALA B 76 28.51 4.03 8.10
N ILE B 77 29.03 5.16 8.59
CA ILE B 77 28.50 6.46 8.18
C ILE B 77 28.92 6.77 6.75
N ARG B 78 30.18 6.48 6.42
CA ARG B 78 30.67 6.66 5.05
C ARG B 78 29.85 5.84 4.06
N ILE B 79 29.50 4.61 4.44
CA ILE B 79 28.71 3.76 3.57
C ILE B 79 27.32 4.35 3.38
N PHE B 80 26.67 4.74 4.48
CA PHE B 80 25.33 5.31 4.37
C PHE B 80 25.33 6.58 3.53
N GLN B 81 26.35 7.43 3.68
CA GLN B 81 26.42 8.66 2.90
C GLN B 81 26.54 8.36 1.40
N GLY B 82 27.19 7.26 1.04
CA GLY B 82 27.22 6.87 -0.35
C GLY B 82 25.87 6.51 -0.90
N CYS B 83 25.01 5.93 -0.06
CA CYS B 83 23.61 5.73 -0.46
C CYS B 83 22.91 7.07 -0.62
N GLN B 84 23.08 7.95 0.37
CA GLN B 84 22.55 9.31 0.27
C GLN B 84 23.03 10.01 -0.99
N PHE B 85 24.31 9.87 -1.33
CA PHE B 85 24.80 10.51 -2.54
C PHE B 85 24.13 9.92 -3.77
N ARG B 86 24.02 8.59 -3.83
CA ARG B 86 23.45 7.95 -5.01
C ARG B 86 22.00 8.35 -5.21
N SER B 87 21.24 8.48 -4.13
CA SER B 87 19.83 8.82 -4.28
C SER B 87 19.62 10.30 -4.57
N VAL B 88 20.51 11.19 -4.08
CA VAL B 88 20.50 12.57 -4.56
C VAL B 88 20.65 12.61 -6.08
N GLU B 89 21.49 11.74 -6.64
CA GLU B 89 21.63 11.66 -8.09
C GLU B 89 20.39 11.07 -8.75
N ALA B 90 19.73 10.12 -8.07
CA ALA B 90 18.55 9.51 -8.68
C ALA B 90 17.38 10.47 -8.69
N VAL B 91 17.27 11.35 -7.70
CA VAL B 91 16.26 12.41 -7.76
C VAL B 91 16.34 13.13 -9.08
N GLN B 92 17.56 13.51 -9.47
CA GLN B 92 17.67 14.28 -10.70
C GLN B 92 17.42 13.40 -11.92
N GLU B 93 17.82 12.14 -11.87
CA GLU B 93 17.53 11.26 -12.99
C GLU B 93 16.02 11.01 -13.12
N ILE B 94 15.34 10.81 -11.98
CA ILE B 94 13.90 10.61 -12.04
C ILE B 94 13.19 11.90 -12.44
N THR B 95 13.70 13.06 -12.00
CA THR B 95 13.11 14.31 -12.43
C THR B 95 13.16 14.46 -13.94
N GLU B 96 14.21 13.95 -14.57
CA GLU B 96 14.34 14.07 -16.01
C GLU B 96 13.42 13.10 -16.72
N TYR B 97 13.43 11.84 -16.32
CA TYR B 97 12.48 10.87 -16.86
C TYR B 97 11.05 11.40 -16.80
N ALA B 98 10.65 11.93 -15.65
CA ALA B 98 9.29 12.41 -15.46
C ALA B 98 8.90 13.50 -16.45
N LYS B 99 9.84 14.37 -16.83
CA LYS B 99 9.51 15.43 -17.77
C LYS B 99 9.17 14.88 -19.15
N SER B 100 9.57 13.65 -19.46
CA SER B 100 9.22 13.00 -20.72
C SER B 100 7.91 12.22 -20.70
N ILE B 101 7.25 12.10 -19.55
CA ILE B 101 5.97 11.40 -19.54
C ILE B 101 4.93 12.32 -20.15
N PRO B 102 4.26 11.95 -21.24
CA PRO B 102 3.29 12.86 -21.87
C PRO B 102 2.32 13.44 -20.86
N GLY B 103 2.19 14.76 -20.87
CA GLY B 103 1.29 15.48 -20.02
C GLY B 103 1.88 16.00 -18.74
N PHE B 104 3.03 15.46 -18.32
CA PHE B 104 3.59 15.81 -17.02
C PHE B 104 3.93 17.29 -16.92
N VAL B 105 4.58 17.85 -17.95
CA VAL B 105 5.06 19.23 -17.82
C VAL B 105 3.93 20.23 -18.03
N ASN B 106 2.84 19.81 -18.67
CA ASN B 106 1.66 20.65 -18.73
C ASN B 106 0.92 20.73 -17.41
N LEU B 107 1.31 19.96 -16.40
CA LEU B 107 0.65 20.08 -15.13
C LEU B 107 1.09 21.36 -14.41
N ASP B 108 0.32 21.70 -13.37
CA ASP B 108 0.63 22.84 -12.48
C ASP B 108 2.03 22.59 -11.91
N LEU B 109 2.88 23.63 -11.91
CA LEU B 109 4.27 23.45 -11.52
C LEU B 109 4.39 22.96 -10.09
N ASN B 110 3.54 23.45 -9.18
CA ASN B 110 3.58 22.92 -7.83
C ASN B 110 3.20 21.44 -7.79
N ASP B 111 2.34 20.99 -8.71
CA ASP B 111 1.95 19.59 -8.68
C ASP B 111 3.11 18.70 -9.13
N GLN B 112 3.76 19.06 -10.24
CA GLN B 112 5.00 18.41 -10.63
C GLN B 112 5.96 18.33 -9.44
N VAL B 113 6.16 19.43 -8.75
CA VAL B 113 7.08 19.41 -7.62
C VAL B 113 6.57 18.44 -6.55
N THR B 114 5.25 18.38 -6.36
CA THR B 114 4.66 17.54 -5.32
C THR B 114 4.73 16.06 -5.69
N LEU B 115 4.40 15.71 -6.95
CA LEU B 115 4.49 14.33 -7.39
C LEU B 115 5.92 13.81 -7.27
N LEU B 116 6.89 14.59 -7.74
CA LEU B 116 8.28 14.17 -7.64
C LEU B 116 8.71 14.04 -6.18
N LYS B 117 8.28 14.97 -5.33
CA LYS B 117 8.68 14.96 -3.93
C LYS B 117 8.29 13.65 -3.24
N TYR B 118 7.03 13.23 -3.38
CA TYR B 118 6.57 12.00 -2.72
C TYR B 118 6.75 10.77 -3.59
N GLY B 119 7.14 10.92 -4.84
CA GLY B 119 7.28 9.75 -5.68
C GLY B 119 8.69 9.16 -5.75
N VAL B 120 9.68 9.93 -5.28
CA VAL B 120 11.07 9.63 -5.64
C VAL B 120 11.62 8.42 -4.88
N HIS B 121 11.33 8.33 -3.57
CA HIS B 121 11.81 7.18 -2.81
C HIS B 121 11.16 5.88 -3.26
N GLU B 122 9.90 5.93 -3.69
CA GLU B 122 9.25 4.74 -4.23
C GLU B 122 9.97 4.25 -5.49
N ILE B 123 10.28 5.20 -6.40
CA ILE B 123 10.98 4.88 -7.65
C ILE B 123 12.37 4.34 -7.34
N ILE B 124 13.02 4.86 -6.31
CA ILE B 124 14.40 4.47 -6.04
C ILE B 124 14.44 3.01 -5.62
N TYR B 125 13.54 2.59 -4.75
CA TYR B 125 13.58 1.22 -4.25
C TYR B 125 13.02 0.24 -5.26
N THR B 126 12.14 0.70 -6.13
CA THR B 126 11.81 -0.10 -7.31
C THR B 126 13.04 -0.33 -8.18
N MET B 127 13.78 0.74 -8.47
CA MET B 127 14.92 0.59 -9.36
C MET B 127 16.10 -0.08 -8.68
N LEU B 128 16.23 0.10 -7.35
CA LEU B 128 17.25 -0.64 -6.63
C LEU B 128 17.07 -2.15 -6.81
N ALA B 129 15.81 -2.61 -6.88
CA ALA B 129 15.58 -4.05 -7.02
C ALA B 129 16.30 -4.60 -8.24
N SER B 130 16.44 -3.78 -9.30
CA SER B 130 17.11 -4.24 -10.51
C SER B 130 18.59 -4.49 -10.30
N LEU B 131 19.22 -3.86 -9.31
CA LEU B 131 20.63 -4.05 -9.05
C LEU B 131 20.87 -4.98 -7.87
N MET B 132 19.87 -5.71 -7.44
CA MET B 132 19.96 -6.56 -6.27
C MET B 132 19.62 -8.00 -6.63
N ASN B 133 20.36 -8.94 -6.07
CA ASN B 133 19.91 -10.31 -5.93
C ASN B 133 19.93 -10.62 -4.44
N LYS B 134 19.66 -11.88 -4.08
CA LYS B 134 19.55 -12.25 -2.67
C LYS B 134 20.86 -12.11 -1.92
N ASP B 135 22.00 -11.97 -2.63
CA ASP B 135 23.32 -11.98 -2.02
C ASP B 135 23.99 -10.63 -1.95
N GLY B 136 23.45 -9.61 -2.60
CA GLY B 136 24.04 -8.28 -2.53
C GLY B 136 23.51 -7.36 -3.60
N VAL B 137 24.17 -6.20 -3.70
CA VAL B 137 23.69 -5.10 -4.53
C VAL B 137 24.85 -4.55 -5.34
N LEU B 138 24.62 -4.34 -6.64
CA LEU B 138 25.54 -3.60 -7.46
C LEU B 138 25.58 -2.13 -7.03
N ILE B 139 26.78 -1.54 -7.03
CA ILE B 139 26.96 -0.14 -6.69
C ILE B 139 27.83 0.49 -7.77
N SER B 140 27.82 1.83 -7.82
CA SER B 140 28.78 2.57 -8.63
C SER B 140 28.67 2.21 -10.12
N GLU B 141 27.44 2.11 -10.60
CA GLU B 141 27.13 1.72 -11.98
C GLU B 141 27.75 0.36 -12.31
N GLY B 142 27.72 -0.56 -11.35
CA GLY B 142 28.14 -1.92 -11.60
C GLY B 142 29.61 -2.24 -11.40
N GLN B 143 30.46 -1.24 -11.14
CA GLN B 143 31.85 -1.52 -10.82
C GLN B 143 32.00 -2.17 -9.46
N GLY B 144 31.00 -2.08 -8.60
CA GLY B 144 31.05 -2.66 -7.28
C GLY B 144 29.92 -3.65 -7.05
N PHE B 145 30.16 -4.60 -6.16
CA PHE B 145 29.12 -5.46 -5.63
C PHE B 145 29.33 -5.51 -4.13
N MET B 146 28.43 -4.88 -3.39
CA MET B 146 28.51 -4.86 -1.94
C MET B 146 27.59 -5.94 -1.39
N THR B 147 28.16 -6.90 -0.67
CA THR B 147 27.39 -8.06 -0.27
C THR B 147 26.36 -7.67 0.76
N ARG B 148 25.25 -8.39 0.73
CA ARG B 148 24.17 -8.14 1.66
C ARG B 148 24.58 -8.47 3.09
N GLU B 149 25.53 -9.41 3.24
CA GLU B 149 25.93 -9.81 4.59
C GLU B 149 26.87 -8.79 5.20
N PHE B 150 27.71 -8.17 4.39
CA PHE B 150 28.52 -7.06 4.89
C PHE B 150 27.65 -5.86 5.27
N LEU B 151 26.67 -5.52 4.42
CA LEU B 151 25.73 -4.46 4.76
C LEU B 151 24.99 -4.76 6.06
N LYS B 152 24.72 -6.05 6.30
CA LYS B 152 23.95 -6.49 7.49
C LYS B 152 24.81 -6.46 8.76
N SER B 153 26.14 -6.38 8.62
CA SER B 153 27.02 -6.36 9.78
C SER B 153 27.47 -4.96 10.18
N LEU B 154 26.72 -3.99 9.75
CA LEU B 154 27.07 -2.62 10.10
C LEU B 154 26.54 -2.33 11.49
N ARG B 155 27.24 -1.44 12.19
CA ARG B 155 27.01 -0.93 13.56
C ARG B 155 25.56 -0.44 13.76
N LYS B 156 25.07 -0.64 14.97
CA LYS B 156 23.80 -0.12 15.56
C LYS B 156 22.69 0.16 14.56
N PRO B 157 22.39 1.43 14.23
CA PRO B 157 21.25 1.74 13.37
C PRO B 157 21.49 1.54 11.86
N PHE B 158 22.73 1.35 11.46
CA PHE B 158 23.06 1.25 10.04
C PHE B 158 22.93 -0.16 9.47
N GLY B 159 23.22 -1.18 10.27
CA GLY B 159 23.19 -2.54 9.76
C GLY B 159 21.84 -2.98 9.23
N ASP B 160 20.76 -2.35 9.69
CA ASP B 160 19.41 -2.72 9.30
C ASP B 160 18.80 -1.68 8.37
N PHE B 161 19.65 -1.10 7.53
CA PHE B 161 19.19 -0.06 6.62
C PHE B 161 18.75 -0.68 5.30
N MET B 162 19.58 -1.53 4.72
CA MET B 162 19.31 -2.09 3.41
C MET B 162 18.52 -3.39 3.44
N GLU B 163 18.45 -4.06 4.60
CA GLU B 163 17.79 -5.35 4.76
C GLU B 163 16.35 -5.33 4.26
N PRO B 164 15.48 -4.45 4.75
CA PRO B 164 14.11 -4.45 4.27
C PRO B 164 14.01 -4.19 2.78
N LYS B 165 15.03 -3.55 2.18
CA LYS B 165 15.07 -3.31 0.74
C LYS B 165 15.49 -4.56 -0.03
N PHE B 166 16.38 -5.36 0.54
CA PHE B 166 16.68 -6.68 -0.01
C PHE B 166 15.45 -7.58 0.03
N GLU B 167 14.77 -7.64 1.19
CA GLU B 167 13.57 -8.45 1.30
C GLU B 167 12.54 -8.06 0.26
N PHE B 168 12.33 -6.75 0.06
CA PHE B 168 11.40 -6.31 -0.98
C PHE B 168 11.87 -6.76 -2.35
N ALA B 169 13.18 -6.68 -2.61
CA ALA B 169 13.70 -6.87 -3.96
C ALA B 169 13.58 -8.32 -4.42
N VAL B 170 13.93 -9.28 -3.56
CA VAL B 170 13.83 -10.68 -3.97
C VAL B 170 12.38 -11.02 -4.29
N LYS B 171 11.43 -10.51 -3.50
CA LYS B 171 10.03 -10.67 -3.82
C LYS B 171 9.67 -9.93 -5.10
N PHE B 172 10.11 -8.68 -5.24
CA PHE B 172 9.80 -7.92 -6.45
C PHE B 172 10.43 -8.55 -7.67
N ASN B 173 11.67 -9.03 -7.55
CA ASN B 173 12.33 -9.61 -8.71
C ASN B 173 11.69 -10.93 -9.12
N ALA B 174 10.91 -11.56 -8.22
CA ALA B 174 10.20 -12.80 -8.55
C ALA B 174 9.15 -12.55 -9.63
N LEU B 175 8.62 -11.34 -9.71
CA LEU B 175 7.72 -11.02 -10.79
C LEU B 175 8.41 -11.05 -12.15
N GLU B 176 9.74 -10.94 -12.19
CA GLU B 176 10.51 -11.07 -13.42
C GLU B 176 10.16 -10.02 -14.47
N LEU B 177 9.97 -8.77 -14.04
CA LEU B 177 9.62 -7.75 -15.01
C LEU B 177 10.85 -7.37 -15.83
N ASP B 178 10.63 -6.65 -16.91
CA ASP B 178 11.79 -6.08 -17.60
C ASP B 178 11.66 -4.57 -17.66
N ASP B 179 12.71 -3.95 -18.20
CA ASP B 179 12.82 -2.50 -18.27
C ASP B 179 11.65 -1.88 -19.01
N SER B 180 11.15 -2.55 -20.05
CA SER B 180 9.97 -2.04 -20.75
C SER B 180 8.73 -2.13 -19.87
N ASP B 181 8.58 -3.21 -19.08
CA ASP B 181 7.57 -3.20 -18.01
C ASP B 181 7.84 -2.06 -17.03
N LEU B 182 9.08 -1.94 -16.55
CA LEU B 182 9.37 -1.02 -15.45
C LEU B 182 9.26 0.45 -15.88
N ALA B 183 9.55 0.75 -17.16
CA ALA B 183 9.39 2.12 -17.62
C ALA B 183 7.97 2.63 -17.35
N ILE B 184 6.96 1.83 -17.71
CA ILE B 184 5.58 2.26 -17.49
C ILE B 184 5.23 2.26 -16.00
N PHE B 185 5.67 1.24 -15.26
CA PHE B 185 5.35 1.14 -13.85
C PHE B 185 5.91 2.32 -13.05
N ILE B 186 7.12 2.75 -13.38
CA ILE B 186 7.71 3.92 -12.73
C ILE B 186 6.89 5.17 -13.03
N ALA B 187 6.41 5.29 -14.25
CA ALA B 187 5.53 6.40 -14.63
C ALA B 187 4.22 6.39 -13.83
N VAL B 188 3.58 5.21 -13.71
CA VAL B 188 2.37 5.05 -12.92
C VAL B 188 2.59 5.61 -11.52
N ILE B 189 3.76 5.30 -10.93
CA ILE B 189 4.02 5.74 -9.57
C ILE B 189 4.07 7.26 -9.50
N ILE B 190 4.74 7.89 -10.47
CA ILE B 190 4.92 9.32 -10.43
C ILE B 190 3.57 10.01 -10.53
N LEU B 191 2.75 9.55 -11.45
CA LEU B 191 1.42 10.15 -11.72
C LEU B 191 0.38 9.61 -10.76
N SER B 192 0.62 9.72 -9.45
CA SER B 192 -0.31 9.21 -8.43
C SER B 192 -1.00 10.37 -7.69
N GLY B 193 -2.28 10.62 -7.98
CA GLY B 193 -3.06 11.79 -7.49
C GLY B 193 -3.49 11.88 -6.02
N ASP B 194 -3.09 10.95 -5.14
CA ASP B 194 -3.44 10.98 -3.70
C ASP B 194 -2.33 11.72 -2.94
N ARG B 195 -1.21 11.99 -3.61
CA ARG B 195 -0.06 12.70 -2.98
C ARG B 195 -0.58 13.98 -2.32
N PRO B 196 -0.32 14.20 -1.01
CA PRO B 196 -0.81 15.40 -0.31
C PRO B 196 -0.42 16.68 -1.05
N GLY B 197 -1.39 17.58 -1.15
CA GLY B 197 -1.15 18.93 -1.60
C GLY B 197 -1.49 19.22 -3.04
N LEU B 198 -2.12 18.31 -3.77
CA LEU B 198 -2.26 18.52 -5.20
C LEU B 198 -3.42 19.47 -5.51
N LEU B 199 -3.18 20.38 -6.46
CA LEU B 199 -4.15 21.42 -6.81
C LEU B 199 -5.09 21.02 -7.95
N ASN B 200 -4.62 20.19 -8.84
CA ASN B 200 -5.45 19.75 -9.97
C ASN B 200 -5.22 18.26 -10.13
N VAL B 201 -5.68 17.48 -9.16
CA VAL B 201 -5.58 15.99 -9.07
C VAL B 201 -6.06 15.22 -10.29
N LYS B 202 -6.90 15.76 -11.15
CA LYS B 202 -7.54 15.01 -12.24
C LYS B 202 -6.71 14.86 -13.51
N PRO B 203 -6.01 15.85 -14.08
CA PRO B 203 -5.16 15.61 -15.21
C PRO B 203 -4.11 14.58 -14.83
N ILE B 204 -3.71 14.51 -13.56
CA ILE B 204 -2.77 13.51 -13.05
C ILE B 204 -3.41 12.13 -13.19
N GLU B 205 -4.62 11.95 -12.65
CA GLU B 205 -5.29 10.66 -12.74
C GLU B 205 -5.71 10.33 -14.16
N ASP B 206 -6.03 11.36 -14.95
CA ASP B 206 -6.23 11.12 -16.37
C ASP B 206 -4.98 10.54 -17.02
N ILE B 207 -3.81 11.05 -16.64
CA ILE B 207 -2.58 10.50 -17.19
C ILE B 207 -2.31 9.12 -16.58
N GLN B 208 -2.47 8.97 -15.27
CA GLN B 208 -2.19 7.67 -14.68
C GLN B 208 -3.09 6.60 -15.25
N ASP B 209 -4.37 6.91 -15.45
CA ASP B 209 -5.27 5.95 -16.08
C ASP B 209 -4.76 5.56 -17.45
N ASN B 210 -4.36 6.55 -18.25
CA ASN B 210 -3.72 6.28 -19.53
C ASN B 210 -2.46 5.41 -19.38
N LEU B 211 -1.58 5.74 -18.42
CA LEU B 211 -0.42 4.91 -18.16
C LEU B 211 -0.80 3.51 -17.68
N LEU B 212 -1.85 3.40 -16.87
CA LEU B 212 -2.27 2.09 -16.37
C LEU B 212 -2.74 1.17 -17.49
N GLN B 213 -3.43 1.72 -18.49
CA GLN B 213 -3.79 0.91 -19.66
C GLN B 213 -2.57 0.49 -20.45
N ALA B 214 -1.58 1.38 -20.56
CA ALA B 214 -0.35 1.00 -21.26
C ALA B 214 0.36 -0.12 -20.51
N LEU B 215 0.42 -0.03 -19.18
CA LEU B 215 1.06 -1.09 -18.40
C LEU B 215 0.31 -2.41 -18.55
N GLU B 216 -1.02 -2.36 -18.41
CA GLU B 216 -1.85 -3.55 -18.58
C GLU B 216 -1.58 -4.23 -19.90
N LEU B 217 -1.67 -3.46 -21.00
CA LEU B 217 -1.39 -4.03 -22.32
C LEU B 217 0.02 -4.62 -22.36
N GLN B 218 1.00 -3.86 -21.84
CA GLN B 218 2.39 -4.30 -21.87
C GLN B 218 2.55 -5.62 -21.14
N LEU B 219 2.00 -5.72 -19.94
CA LEU B 219 2.13 -6.94 -19.15
C LEU B 219 1.48 -8.13 -19.86
N LYS B 220 0.34 -7.92 -20.51
CA LYS B 220 -0.35 -9.00 -21.20
C LYS B 220 0.41 -9.45 -22.45
N LEU B 221 1.03 -8.51 -23.19
CA LEU B 221 1.77 -8.88 -24.39
C LEU B 221 3.15 -9.43 -24.05
N ASN B 222 3.76 -8.88 -22.99
CA ASN B 222 5.10 -9.30 -22.62
C ASN B 222 5.10 -10.55 -21.76
N HIS B 223 4.06 -10.73 -20.96
CA HIS B 223 3.97 -11.89 -20.06
C HIS B 223 2.60 -12.52 -20.24
N PRO B 224 2.32 -13.08 -21.42
CA PRO B 224 0.97 -13.59 -21.68
C PRO B 224 0.52 -14.70 -20.75
N GLU B 225 1.42 -15.51 -20.19
CA GLU B 225 0.95 -16.53 -19.27
C GLU B 225 1.49 -16.33 -17.85
N SER B 226 1.77 -15.09 -17.47
CA SER B 226 1.96 -14.73 -16.07
C SER B 226 0.61 -14.21 -15.60
N SER B 227 -0.18 -15.10 -14.99
CA SER B 227 -1.56 -14.79 -14.65
C SER B 227 -1.66 -13.68 -13.63
N GLN B 228 -2.43 -12.65 -13.96
CA GLN B 228 -2.74 -11.61 -12.99
C GLN B 228 -1.53 -10.77 -12.63
N LEU B 229 -0.55 -10.65 -13.54
CA LEU B 229 0.65 -9.88 -13.23
C LEU B 229 0.31 -8.41 -12.99
N PHE B 230 -0.61 -7.85 -13.77
CA PHE B 230 -1.05 -6.48 -13.56
C PHE B 230 -1.43 -6.23 -12.11
N ALA B 231 -2.40 -7.00 -11.62
CA ALA B 231 -2.86 -6.88 -10.25
C ALA B 231 -1.73 -7.10 -9.26
N LYS B 232 -0.88 -8.10 -9.52
CA LYS B 232 0.19 -8.41 -8.58
C LYS B 232 1.19 -7.27 -8.49
N LEU B 233 1.49 -6.65 -9.63
CA LEU B 233 2.40 -5.52 -9.64
C LEU B 233 1.80 -4.34 -8.87
N LEU B 234 0.51 -4.07 -9.05
CA LEU B 234 -0.14 -3.00 -8.30
C LEU B 234 -0.10 -3.26 -6.80
N GLN B 235 -0.31 -4.52 -6.37
CA GLN B 235 -0.28 -4.81 -4.95
C GLN B 235 1.09 -4.54 -4.35
N LYS B 236 2.14 -4.68 -5.17
CA LYS B 236 3.49 -4.35 -4.71
C LYS B 236 3.62 -2.88 -4.35
N MET B 237 2.83 -2.03 -5.00
CA MET B 237 2.91 -0.61 -4.66
C MET B 237 2.48 -0.31 -3.23
N THR B 238 2.00 -1.30 -2.48
CA THR B 238 1.84 -1.09 -1.05
C THR B 238 3.09 -1.53 -0.29
N ASP B 239 3.78 -2.58 -0.74
CA ASP B 239 5.08 -2.91 -0.19
C ASP B 239 6.08 -1.76 -0.37
N LEU B 240 5.91 -0.95 -1.42
CA LEU B 240 6.80 0.19 -1.61
C LEU B 240 6.48 1.27 -0.59
N ARG B 241 5.19 1.69 -0.51
CA ARG B 241 4.79 2.72 0.43
C ARG B 241 5.29 2.39 1.83
N GLN B 242 5.29 1.10 2.18
CA GLN B 242 5.72 0.66 3.49
C GLN B 242 7.24 0.73 3.65
N ILE B 243 7.98 0.32 2.62
CA ILE B 243 9.43 0.50 2.62
C ILE B 243 9.80 1.97 2.81
N VAL B 244 9.04 2.88 2.20
CA VAL B 244 9.38 4.30 2.25
C VAL B 244 9.09 4.85 3.63
N THR B 245 7.84 4.70 4.09
CA THR B 245 7.50 4.97 5.48
C THR B 245 8.55 4.47 6.46
N GLU B 246 8.93 3.20 6.32
CA GLU B 246 9.88 2.61 7.26
C GLU B 246 11.28 3.17 7.06
N HIS B 247 11.61 3.59 5.83
CA HIS B 247 12.92 4.17 5.58
C HIS B 247 13.04 5.58 6.14
N VAL B 248 11.96 6.36 6.10
CA VAL B 248 12.07 7.71 6.62
C VAL B 248 12.08 7.71 8.15
N GLN B 249 11.57 6.66 8.79
CA GLN B 249 11.67 6.60 10.24
C GLN B 249 13.10 6.26 10.67
N LEU B 250 13.78 5.37 9.93
CA LEU B 250 15.19 5.15 10.23
C LEU B 250 16.01 6.43 10.03
N LEU B 251 15.60 7.27 9.07
CA LEU B 251 16.29 8.54 8.85
C LEU B 251 16.21 9.47 10.05
N GLN B 252 15.10 9.44 10.79
CA GLN B 252 15.03 10.30 11.97
C GLN B 252 15.84 9.73 13.12
N VAL B 253 15.85 8.40 13.26
CA VAL B 253 16.59 7.73 14.32
C VAL B 253 18.08 8.08 14.27
N ILE B 254 18.63 8.27 13.07
CA ILE B 254 20.04 8.67 12.96
C ILE B 254 20.24 10.18 13.00
N LYS B 255 19.12 10.90 13.09
CA LYS B 255 19.21 12.37 13.31
C LYS B 255 19.52 12.52 14.81
N LYS B 256 19.67 11.40 15.52
CA LYS B 256 19.96 11.37 16.94
C LYS B 256 21.17 10.50 17.27
N THR B 257 21.95 10.07 16.27
CA THR B 257 23.25 9.45 16.52
C THR B 257 24.30 10.11 15.63
N GLU B 258 23.90 10.59 14.45
CA GLU B 258 24.70 11.55 13.71
C GLU B 258 24.57 12.91 14.40
N THR B 259 25.71 13.45 14.85
CA THR B 259 25.73 14.44 15.92
C THR B 259 25.49 15.87 15.45
N HIS B 264 29.09 20.67 8.83
CA HIS B 264 28.29 20.06 7.77
C HIS B 264 27.18 20.95 7.12
N PRO B 265 27.24 22.28 7.27
CA PRO B 265 26.01 23.07 7.06
C PRO B 265 25.51 23.10 5.62
N LEU B 266 26.40 22.99 4.63
CA LEU B 266 25.96 22.94 3.25
C LEU B 266 25.69 21.50 2.79
N LEU B 267 26.47 20.53 3.27
CA LEU B 267 26.14 19.14 3.07
C LEU B 267 24.70 18.84 3.47
N GLN B 268 24.35 19.19 4.72
CA GLN B 268 22.98 19.05 5.19
C GLN B 268 21.98 19.65 4.20
N GLU B 269 22.23 20.89 3.78
CA GLU B 269 21.32 21.60 2.87
C GLU B 269 21.22 20.93 1.49
N ILE B 270 22.19 20.13 1.10
CA ILE B 270 22.11 19.44 -0.23
C ILE B 270 21.17 18.24 -0.15
N GLU B 271 21.31 17.40 0.87
CA GLU B 271 20.53 16.15 1.00
C GLU B 271 19.22 16.34 1.77
N LYS B 272 18.48 17.44 1.64
CA LYS B 272 17.21 17.61 2.42
C LYS B 272 16.02 16.83 1.81
N ASP B 273 16.13 15.51 1.62
CA ASP B 273 15.15 14.56 1.03
C ASP B 273 14.25 15.29 0.04
C10 GEV C . -19.72 -3.60 9.26
C13 GEV C . -18.12 1.88 14.59
C15 GEV C . -19.78 3.22 15.86
C17 GEV C . -20.46 2.98 17.22
C20 GEV C . -21.68 2.62 19.67
C21 GEV C . -21.12 3.85 19.35
C22 GEV C . -20.52 4.02 18.12
C24 GEV C . -23.16 3.57 21.60
C28 GEV C . -24.87 5.39 22.19
C01 GEV C . -15.48 0.01 14.62
C02 GEV C . -16.73 -0.19 13.76
C03 GEV C . -17.87 0.63 13.75
C05 GEV C . -18.13 -1.02 12.34
C07 GEV C . -18.70 -1.95 11.26
C08 GEV C . -18.01 -3.10 10.88
C09 GEV C . -18.52 -3.92 9.89
C11 GEV C . -20.41 -2.45 9.61
C12 GEV C . -19.90 -1.62 10.61
C14 GEV C . -19.55 1.93 15.09
C18 GEV C . -21.02 1.74 17.53
C19 GEV C . -21.62 1.57 18.76
C23 GEV C . -22.33 2.40 21.03
C25 GEV C . -22.92 4.31 22.78
N04 GEV C . -18.73 0.08 12.83
N27 GEV C . -23.85 5.27 23.05
O06 GEV C . -16.94 -1.16 12.89
O16 GEV C . -18.55 3.85 16.09
O26 GEV C . -21.82 4.09 23.62
O29 GEV C . -25.93 6.31 22.28
S30 GEV C . -24.60 4.21 20.99
C10 GEV D . 18.78 3.72 -9.90
C13 GEV D . 22.41 2.01 -3.26
C15 GEV D . 24.78 1.61 -2.70
C17 GEV D . 26.05 2.21 -2.10
C20 GEV D . 28.35 3.18 -0.90
C21 GEV D . 27.49 2.36 -0.19
C22 GEV D . 26.36 1.87 -0.80
C24 GEV D . 30.95 3.02 -0.29
C28 GEV D . 33.06 1.63 -0.66
C01 GEV D . 20.13 4.22 -2.33
C02 GEV D . 20.42 3.68 -3.75
C03 GEV D . 21.39 2.73 -4.12
C05 GEV D . 20.25 3.37 -5.87
C07 GEV D . 19.73 3.50 -7.30
C08 GEV D . 18.93 4.58 -7.67
C09 GEV D . 18.47 4.70 -8.97
C11 GEV D . 19.56 2.63 -9.54
C12 GEV D . 20.04 2.52 -8.24
C14 GEV D . 23.82 2.59 -3.36
C18 GEV D . 26.91 3.04 -2.82
C19 GEV D . 28.05 3.53 -2.22
C23 GEV D . 29.58 3.72 -0.15
C25 GEV D . 32.15 3.54 0.22
N04 GEV D . 21.24 2.58 -5.48
N27 GEV D . 33.25 2.77 0.00
O06 GEV D . 19.78 4.02 -4.83
O16 GEV D . 24.08 0.93 -1.68
O26 GEV D . 32.20 4.76 0.90
O29 GEV D . 34.05 0.69 -0.99
S30 GEV D . 31.39 1.52 -1.00
#